data_2JCH
#
_entry.id   2JCH
#
_cell.length_a   105.840
_cell.length_b   143.580
_cell.length_c   97.440
_cell.angle_alpha   90.00
_cell.angle_beta   90.00
_cell.angle_gamma   90.00
#
_symmetry.space_group_name_H-M   'C 2 2 21'
#
loop_
_entity.id
_entity.type
_entity.pdbx_description
1 polymer 'PENICILLIN-BINDING PROTEIN 1B'
2 non-polymer 'SULFATE ION'
3 non-polymer 'CHLORIDE ION'
4 non-polymer 1,2-ETHANEDIOL
5 non-polymer '(2E)-2-({(2S)-2-CARBOXY-2-[(PHENOXYACETYL)AMINO]ETHOXY}IMINO)PENTANEDIOIC ACID'
6 water water
#
_entity_poly.entity_id   1
_entity_poly.type   'polypeptide(L)'
_entity_poly.pdbx_seq_one_letter_code
;GSGIALGYGVALFDKVRVPQTEELVNQVKDISSISEITYSDGTVIASIESDMLRTSISSEQISENLKKAIIATEDEHFKE
HKGVVPNAVIPATLGKFVGLGSSSGGSTLTQQLIKQQVVGDAPTLARKAAEIVDALALERAMNKDEILTTYLNVAPFGRN
NKGQNIAGARQAAEGIFGVDASQLTVPQAAFLAGLPQSPITYSPYENTGELKSDEDLEIGLRRAKAVLYSMYRTGALSKD
EYSQYKDYDLKQDFLPSGTVTGISQDYLYFTTLAEAQERMYDYLAQRDNVSAKELKNEATQKFYRDLAAKEIENGGYKIT
TTIDQKIHSAMQSAVADYGYLLDDGTGRVEVGNVLMDNQTGAILGFVGGRNYQENQNNHAFDTKRSPASTTKPLLAYGIA
IDQGLMGSETILSNYPTNFANGNPIMYANSKGTGMMTLGEALNYSWNIPAYWTYRMLRENGVDVKGYMEKMGYEIPEYGI
ESLPMGGGIEVTVAQHTNGYQTLANNGVYHQKHVISKIEAADGRVVYEYQDKPVQVYSKATATIMQGLLREVLSSRVTTT
FKSNLTSLNPTLANADWIGKTGTTNQDENMWLMLSTPRLTLGGWIGHDDNHSLSQQAGYSNNSNYMAHLVNAIQQASPSI
WGNERFALDPSVVKSEVLKSTGQKPGKVSVEGKEVEVTGSTVTSYWANKSGAPATSYRFAIGGSDADYQNAWSSIVGSLP
;
_entity_poly.pdbx_strand_id   A
#
# COMPACT_ATOMS: atom_id res chain seq x y z
N SER A 35 33.82 4.01 -15.11
CA SER A 35 32.34 3.88 -14.72
C SER A 35 31.89 4.57 -13.43
N GLU A 36 30.84 5.42 -13.51
CA GLU A 36 30.19 5.94 -12.22
C GLU A 36 28.65 6.03 -12.09
N ILE A 37 28.24 6.23 -10.84
CA ILE A 37 26.85 6.57 -10.48
C ILE A 37 26.67 8.02 -10.02
N THR A 38 25.74 8.68 -10.70
CA THR A 38 25.32 10.02 -10.31
C THR A 38 23.86 10.08 -9.73
N TYR A 39 23.62 11.14 -8.92
CA TYR A 39 22.27 11.52 -8.51
C TYR A 39 21.62 12.19 -9.65
N SER A 40 20.31 12.33 -9.56
CA SER A 40 19.52 12.90 -10.63
C SER A 40 20.04 14.20 -11.24
N ASP A 41 20.65 15.06 -10.42
CA ASP A 41 21.15 16.39 -10.84
C ASP A 41 22.45 16.27 -11.66
N GLY A 42 22.95 15.02 -11.80
CA GLY A 42 24.22 14.79 -12.45
C GLY A 42 25.36 14.64 -11.48
N THR A 43 25.25 15.11 -10.23
CA THR A 43 26.33 15.00 -9.20
C THR A 43 26.85 13.59 -8.90
N VAL A 44 28.16 13.46 -8.69
CA VAL A 44 28.71 12.13 -8.54
C VAL A 44 28.38 11.53 -7.16
N ILE A 45 27.66 10.40 -7.19
CA ILE A 45 27.53 9.59 -5.96
C ILE A 45 28.93 8.95 -5.62
N ALA A 46 29.49 8.16 -6.58
CA ALA A 46 30.81 7.45 -6.53
C ALA A 46 31.15 6.70 -7.85
N SER A 47 32.38 6.18 -7.94
CA SER A 47 32.77 5.23 -9.01
C SER A 47 32.84 3.81 -8.48
N ILE A 48 32.92 2.86 -9.44
CA ILE A 48 32.95 1.40 -9.12
C ILE A 48 34.30 0.63 -8.97
N ASP A 266 25.87 4.56 2.24
CA ASP A 266 26.51 3.43 1.53
C ASP A 266 25.50 2.36 1.02
N TYR A 267 24.26 2.39 1.56
CA TYR A 267 23.10 1.67 0.91
C TYR A 267 22.88 2.22 -0.48
N LEU A 268 23.15 3.50 -0.65
CA LEU A 268 22.83 4.21 -1.89
C LEU A 268 23.60 3.61 -3.08
N TYR A 269 24.92 3.50 -2.91
CA TYR A 269 25.82 2.85 -3.82
C TYR A 269 25.46 1.40 -4.14
N PHE A 270 25.24 0.59 -3.09
CA PHE A 270 24.92 -0.84 -3.29
C PHE A 270 23.61 -1.06 -4.00
N THR A 271 22.64 -0.23 -3.67
CA THR A 271 21.26 -0.43 -4.22
C THR A 271 21.20 -0.06 -5.73
N THR A 272 21.98 1.00 -6.02
CA THR A 272 22.15 1.46 -7.40
C THR A 272 22.98 0.53 -8.34
N LEU A 273 24.15 0.11 -7.86
CA LEU A 273 24.95 -0.87 -8.61
C LEU A 273 24.22 -2.18 -8.90
N ALA A 274 23.56 -2.74 -7.86
CA ALA A 274 22.67 -3.92 -8.04
C ALA A 274 21.69 -3.75 -9.14
N GLU A 275 20.95 -2.63 -9.17
CA GLU A 275 19.98 -2.42 -10.25
C GLU A 275 20.59 -2.32 -11.65
N ALA A 276 21.79 -1.71 -11.70
CA ALA A 276 22.50 -1.44 -12.97
C ALA A 276 22.94 -2.80 -13.54
N GLN A 277 23.46 -3.62 -12.63
CA GLN A 277 23.94 -4.93 -12.98
C GLN A 277 22.85 -5.81 -13.48
N GLU A 278 21.65 -5.70 -12.86
CA GLU A 278 20.44 -6.39 -13.29
CA GLU A 278 20.49 -6.44 -13.37
C GLU A 278 20.05 -5.90 -14.72
N ARG A 279 20.36 -4.62 -14.99
CA ARG A 279 20.02 -3.96 -16.29
C ARG A 279 20.76 -4.63 -17.42
N MET A 280 22.08 -4.60 -17.22
CA MET A 280 23.08 -5.24 -18.04
C MET A 280 22.80 -6.72 -18.23
N TYR A 281 22.74 -7.48 -17.15
CA TYR A 281 22.40 -8.91 -17.22
C TYR A 281 21.23 -9.22 -18.11
N ASP A 282 20.12 -8.49 -18.00
CA ASP A 282 18.95 -8.77 -18.85
C ASP A 282 19.29 -8.57 -20.34
N TYR A 283 20.06 -7.52 -20.59
CA TYR A 283 20.56 -7.26 -21.91
C TYR A 283 21.53 -8.33 -22.40
N LEU A 284 22.59 -8.61 -21.62
CA LEU A 284 23.59 -9.65 -21.95
C LEU A 284 22.98 -10.98 -22.35
N ALA A 285 21.87 -11.38 -21.74
CA ALA A 285 21.11 -12.50 -22.25
C ALA A 285 20.72 -12.26 -23.72
N GLN A 286 21.28 -11.18 -24.33
CA GLN A 286 21.45 -10.94 -25.82
C GLN A 286 22.46 -9.84 -26.31
N ARG A 287 23.77 -9.93 -26.05
CA ARG A 287 24.78 -9.05 -26.74
C ARG A 287 25.75 -9.87 -27.55
N ASP A 288 26.29 -10.87 -26.85
CA ASP A 288 27.17 -11.93 -27.39
C ASP A 288 26.26 -12.89 -28.22
N ASN A 289 25.41 -12.24 -29.04
CA ASN A 289 24.01 -12.64 -29.36
C ASN A 289 23.18 -13.29 -28.21
N VAL A 290 23.55 -14.51 -27.80
CA VAL A 290 23.06 -15.16 -26.56
C VAL A 290 21.54 -15.51 -26.56
N SER A 291 21.12 -16.46 -25.71
CA SER A 291 19.67 -16.70 -25.53
C SER A 291 19.18 -17.21 -24.16
N ALA A 292 18.13 -18.04 -24.20
CA ALA A 292 17.57 -18.80 -23.06
C ALA A 292 17.26 -20.24 -23.52
N ALA A 299 21.18 -23.07 -13.82
CA ALA A 299 22.00 -22.51 -12.75
C ALA A 299 23.31 -21.94 -13.29
N THR A 300 23.32 -21.71 -14.62
CA THR A 300 24.27 -20.78 -15.35
C THR A 300 23.70 -20.12 -16.68
N GLN A 301 23.17 -18.88 -16.57
CA GLN A 301 22.97 -18.08 -15.31
C GLN A 301 24.32 -17.73 -14.80
N LYS A 302 24.42 -17.15 -13.58
CA LYS A 302 25.69 -17.14 -12.78
C LYS A 302 26.97 -16.67 -13.51
N PHE A 303 27.25 -17.32 -14.64
CA PHE A 303 28.16 -16.83 -15.68
C PHE A 303 27.71 -15.42 -16.16
N TYR A 304 26.46 -15.33 -16.61
CA TYR A 304 25.88 -14.08 -17.05
C TYR A 304 25.71 -12.97 -15.97
N ARG A 305 25.54 -13.39 -14.73
CA ARG A 305 25.46 -12.50 -13.58
C ARG A 305 26.82 -11.86 -13.38
N ASP A 306 27.86 -12.62 -13.72
CA ASP A 306 29.25 -12.29 -13.39
C ASP A 306 29.89 -11.43 -14.45
N LEU A 307 29.63 -11.93 -15.67
CA LEU A 307 29.78 -11.26 -16.91
C LEU A 307 29.26 -9.82 -16.75
N ALA A 308 27.98 -9.67 -16.33
CA ALA A 308 27.32 -8.33 -16.06
C ALA A 308 28.03 -7.40 -15.10
N ALA A 309 28.50 -7.92 -13.95
CA ALA A 309 29.28 -7.13 -12.98
C ALA A 309 30.66 -6.69 -13.49
N LYS A 310 31.17 -7.43 -14.49
CA LYS A 310 32.51 -7.15 -15.07
C LYS A 310 32.27 -6.03 -16.07
N GLU A 311 31.28 -6.25 -16.93
CA GLU A 311 30.96 -5.41 -18.05
C GLU A 311 30.55 -4.04 -17.55
N ILE A 312 30.04 -4.00 -16.32
CA ILE A 312 29.73 -2.75 -15.63
C ILE A 312 30.98 -2.13 -15.00
N GLU A 313 31.81 -2.88 -14.27
CA GLU A 313 32.94 -2.21 -13.57
C GLU A 313 34.06 -1.70 -14.52
N ASN A 314 34.08 -2.28 -15.73
CA ASN A 314 35.20 -2.17 -16.66
C ASN A 314 34.84 -1.14 -17.72
N GLY A 315 33.69 -1.32 -18.39
CA GLY A 315 33.10 -0.24 -19.24
C GLY A 315 33.41 1.18 -18.75
N GLY A 316 33.04 2.18 -19.52
CA GLY A 316 33.34 3.51 -19.02
C GLY A 316 32.04 4.23 -18.79
N TYR A 317 31.07 3.48 -18.21
CA TYR A 317 29.67 3.84 -18.08
C TYR A 317 29.42 4.86 -16.98
N LYS A 318 28.59 5.84 -17.35
CA LYS A 318 28.00 6.87 -16.42
C LYS A 318 26.52 6.43 -16.23
N ILE A 319 26.16 6.09 -14.99
CA ILE A 319 24.79 5.62 -14.62
C ILE A 319 24.10 6.77 -13.85
N THR A 320 22.98 7.23 -14.37
CA THR A 320 22.18 8.35 -13.80
C THR A 320 20.99 7.77 -12.99
N THR A 321 20.97 8.13 -11.68
CA THR A 321 19.90 7.60 -10.86
C THR A 321 18.72 8.52 -10.89
N THR A 322 17.61 8.07 -10.21
CA THR A 322 16.38 8.87 -10.01
C THR A 322 16.49 9.60 -8.67
N ILE A 323 17.44 9.15 -7.86
CA ILE A 323 17.69 9.70 -6.55
C ILE A 323 17.92 11.18 -6.58
N ASP A 324 16.97 11.87 -5.98
CA ASP A 324 17.07 13.27 -5.64
C ASP A 324 18.05 13.49 -4.49
N GLN A 325 19.06 14.29 -4.70
CA GLN A 325 20.15 14.39 -3.76
C GLN A 325 19.88 15.10 -2.41
N LYS A 326 19.24 16.29 -2.47
CA LYS A 326 18.88 17.03 -1.24
C LYS A 326 17.82 16.24 -0.39
N ILE A 327 16.84 15.66 -1.09
CA ILE A 327 15.84 14.84 -0.46
C ILE A 327 16.45 13.60 0.23
N HIS A 328 17.32 12.85 -0.49
CA HIS A 328 17.89 11.61 0.00
C HIS A 328 18.75 11.86 1.24
N SER A 329 19.53 12.94 1.26
CA SER A 329 20.38 13.19 2.44
C SER A 329 19.60 13.70 3.60
N ALA A 330 18.56 14.46 3.33
CA ALA A 330 17.60 14.94 4.39
C ALA A 330 17.02 13.72 5.06
N MET A 331 16.64 12.69 4.26
CA MET A 331 16.08 11.42 4.75
C MET A 331 17.10 10.65 5.60
N GLN A 332 18.38 10.62 5.15
CA GLN A 332 19.48 10.07 5.99
C GLN A 332 19.61 10.74 7.41
N SER A 333 19.54 12.10 7.40
CA SER A 333 19.63 12.94 8.60
C SER A 333 18.43 12.80 9.50
N ALA A 334 17.22 12.72 8.93
CA ALA A 334 15.99 12.33 9.73
C ALA A 334 16.11 11.02 10.49
N VAL A 335 16.54 9.93 9.83
CA VAL A 335 16.82 8.68 10.61
C VAL A 335 17.89 8.71 11.66
N ALA A 336 18.99 9.45 11.43
CA ALA A 336 20.06 9.77 12.44
C ALA A 336 19.54 10.64 13.53
N ASP A 337 18.96 11.78 13.18
CA ASP A 337 18.23 12.62 14.17
C ASP A 337 17.03 11.96 14.96
N TYR A 338 16.22 11.11 14.34
CA TYR A 338 14.92 10.72 14.94
C TYR A 338 14.60 9.23 15.03
N GLY A 339 15.46 8.36 14.54
CA GLY A 339 15.29 6.95 14.75
C GLY A 339 15.05 6.56 16.20
N TYR A 340 15.51 7.35 17.17
CA TYR A 340 15.39 6.93 18.60
C TYR A 340 13.91 6.94 18.99
N LEU A 341 13.13 7.64 18.20
CA LEU A 341 11.69 7.67 18.46
C LEU A 341 11.08 6.25 18.40
N LEU A 342 11.72 5.39 17.61
CA LEU A 342 11.28 4.03 17.32
C LEU A 342 11.53 3.05 18.49
N ASP A 343 12.54 3.34 19.30
CA ASP A 343 12.99 2.46 20.36
C ASP A 343 11.94 2.35 21.47
N ASP A 344 11.67 1.16 21.93
CA ASP A 344 10.58 0.98 22.86
C ASP A 344 10.85 -0.09 23.92
N GLY A 345 12.12 -0.44 24.13
CA GLY A 345 12.46 -1.38 25.16
C GLY A 345 12.33 -2.80 24.77
N THR A 346 12.56 -3.12 23.49
CA THR A 346 12.43 -4.47 22.94
C THR A 346 13.63 -4.85 22.09
N GLY A 347 14.66 -4.02 22.14
CA GLY A 347 15.83 -4.26 21.31
C GLY A 347 15.93 -3.32 20.13
N ARG A 348 16.71 -3.69 19.12
CA ARG A 348 16.96 -2.69 18.12
CA ARG A 348 17.05 -2.83 17.99
C ARG A 348 15.83 -2.78 17.10
N VAL A 349 15.10 -1.65 17.06
CA VAL A 349 13.99 -1.54 16.07
C VAL A 349 14.58 -0.99 14.75
N GLU A 350 14.54 -1.85 13.73
CA GLU A 350 14.99 -1.48 12.41
C GLU A 350 13.90 -0.78 11.60
N VAL A 351 14.28 -0.25 10.45
CA VAL A 351 13.37 0.63 9.77
C VAL A 351 13.67 0.54 8.27
N GLY A 352 12.68 0.67 7.41
CA GLY A 352 12.89 0.78 5.96
C GLY A 352 11.95 1.85 5.43
N ASN A 353 12.40 2.71 4.52
CA ASN A 353 11.42 3.62 3.86
C ASN A 353 11.72 3.85 2.40
N VAL A 354 10.68 4.06 1.60
CA VAL A 354 10.84 4.41 0.23
C VAL A 354 9.95 5.52 -0.25
N LEU A 355 10.53 6.62 -0.77
CA LEU A 355 9.80 7.74 -1.40
C LEU A 355 9.83 7.68 -2.91
N MET A 356 8.62 7.66 -3.47
CA MET A 356 8.35 7.34 -4.80
C MET A 356 7.51 8.42 -5.45
N ASP A 357 7.82 8.74 -6.73
CA ASP A 357 7.02 9.63 -7.56
C ASP A 357 5.86 8.87 -8.09
N ASN A 358 4.66 9.38 -7.79
CA ASN A 358 3.45 8.82 -8.20
C ASN A 358 3.23 8.81 -9.71
N GLN A 359 3.81 9.79 -10.44
CA GLN A 359 3.58 9.86 -11.92
C GLN A 359 4.51 8.98 -12.79
N THR A 360 5.66 8.62 -12.23
CA THR A 360 6.77 8.04 -12.93
C THR A 360 7.14 6.63 -12.40
N GLY A 361 7.01 6.41 -11.09
CA GLY A 361 7.49 5.19 -10.45
C GLY A 361 8.93 5.36 -10.00
N ALA A 362 9.55 6.50 -10.25
CA ALA A 362 10.91 6.77 -9.82
C ALA A 362 11.07 6.94 -8.31
N ILE A 363 12.14 6.38 -7.77
CA ILE A 363 12.36 6.50 -6.37
C ILE A 363 13.29 7.66 -6.07
N LEU A 364 12.86 8.59 -5.19
CA LEU A 364 13.65 9.82 -4.90
C LEU A 364 14.59 9.76 -3.69
N GLY A 365 14.43 8.78 -2.84
CA GLY A 365 15.13 8.76 -1.57
C GLY A 365 14.66 7.51 -0.83
N PHE A 366 15.44 7.06 0.12
CA PHE A 366 15.05 5.89 0.88
C PHE A 366 15.77 5.80 2.17
N VAL A 367 15.23 5.09 3.13
CA VAL A 367 15.97 4.79 4.35
C VAL A 367 16.17 3.31 4.35
N GLY A 368 17.45 2.87 4.32
CA GLY A 368 17.73 1.43 4.37
C GLY A 368 17.79 0.85 5.79
N GLY A 369 17.95 1.66 6.84
CA GLY A 369 18.00 1.14 8.18
C GLY A 369 18.45 2.24 9.10
N ARG A 370 18.54 1.91 10.38
CA ARG A 370 18.96 2.83 11.40
C ARG A 370 20.34 3.45 11.17
N ASN A 371 21.31 2.63 10.69
CA ASN A 371 22.75 3.03 10.62
C ASN A 371 23.56 1.97 9.86
N TYR A 372 24.02 2.24 8.62
CA TYR A 372 24.70 1.20 7.79
C TYR A 372 25.98 0.70 8.47
N GLN A 373 26.65 1.57 9.21
CA GLN A 373 27.88 1.12 9.85
C GLN A 373 27.68 -0.01 10.78
N GLU A 374 26.60 0.01 11.58
CA GLU A 374 26.36 -1.02 12.58
C GLU A 374 25.62 -2.28 12.06
N ASN A 375 25.02 -2.17 10.85
CA ASN A 375 24.09 -3.16 10.31
C ASN A 375 23.72 -2.83 8.87
N GLN A 376 24.05 -3.79 8.01
CA GLN A 376 24.10 -3.60 6.59
C GLN A 376 22.87 -4.04 5.90
N ASN A 377 21.92 -4.70 6.59
CA ASN A 377 20.69 -5.17 5.93
C ASN A 377 19.88 -4.00 5.35
N ASN A 378 19.62 -4.03 4.05
CA ASN A 378 18.79 -3.03 3.44
C ASN A 378 17.26 -3.38 3.62
N HIS A 379 16.63 -2.62 4.54
CA HIS A 379 15.23 -2.80 4.95
C HIS A 379 14.19 -2.15 4.02
N ALA A 380 14.68 -1.48 2.95
CA ALA A 380 13.87 -0.81 1.92
C ALA A 380 13.72 -1.67 0.70
N PHE A 381 14.76 -2.48 0.38
CA PHE A 381 14.81 -3.18 -0.87
C PHE A 381 15.05 -4.68 -0.73
N ASP A 382 15.51 -5.17 0.45
CA ASP A 382 15.89 -6.62 0.52
C ASP A 382 14.95 -7.52 1.41
N THR A 383 14.65 -7.01 2.60
CA THR A 383 13.97 -7.78 3.57
C THR A 383 12.48 -7.78 3.14
N LYS A 384 11.78 -8.91 3.36
CA LYS A 384 10.41 -9.19 2.95
C LYS A 384 9.63 -9.44 4.26
N ARG A 385 8.52 -8.74 4.47
CA ARG A 385 7.68 -9.06 5.59
C ARG A 385 6.18 -9.07 5.17
N SER A 386 5.34 -9.75 5.95
CA SER A 386 3.91 -9.70 5.63
C SER A 386 3.49 -8.23 5.75
N PRO A 387 2.69 -7.76 4.76
CA PRO A 387 2.12 -6.41 4.71
C PRO A 387 0.93 -6.21 5.69
N ALA A 388 0.38 -7.35 6.21
CA ALA A 388 -0.67 -7.39 7.27
C ALA A 388 -1.95 -6.73 6.72
N SER A 389 -2.63 -5.82 7.49
CA SER A 389 -3.86 -5.20 6.98
C SER A 389 -3.71 -4.17 5.80
N THR A 390 -2.49 -3.68 5.48
CA THR A 390 -2.29 -2.76 4.36
C THR A 390 -2.51 -3.60 3.11
N THR A 391 -2.72 -4.93 3.25
CA THR A 391 -3.08 -5.74 2.08
C THR A 391 -4.54 -5.43 1.59
N LYS A 392 -5.42 -5.08 2.53
CA LYS A 392 -6.84 -5.04 2.29
C LYS A 392 -7.36 -4.13 1.15
N PRO A 393 -6.83 -2.86 1.06
CA PRO A 393 -7.31 -1.95 -0.02
C PRO A 393 -6.95 -2.46 -1.45
N LEU A 394 -5.82 -3.17 -1.55
CA LEU A 394 -5.30 -3.68 -2.82
C LEU A 394 -6.03 -4.93 -3.23
N LEU A 395 -6.03 -5.89 -2.31
CA LEU A 395 -6.38 -7.25 -2.59
C LEU A 395 -7.90 -7.52 -2.43
N ALA A 396 -8.58 -6.86 -1.47
CA ALA A 396 -9.99 -7.15 -1.18
C ALA A 396 -10.96 -6.05 -1.73
N TYR A 397 -10.98 -4.95 -1.00
CA TYR A 397 -11.88 -3.82 -1.22
C TYR A 397 -11.62 -3.20 -2.56
N GLY A 398 -10.39 -2.95 -2.98
CA GLY A 398 -10.22 -2.19 -4.27
C GLY A 398 -10.79 -2.96 -5.48
N ILE A 399 -10.52 -4.28 -5.50
CA ILE A 399 -10.97 -5.19 -6.50
C ILE A 399 -12.48 -5.43 -6.45
N ALA A 400 -13.11 -5.50 -5.24
CA ALA A 400 -14.59 -5.67 -5.12
C ALA A 400 -15.35 -4.44 -5.69
N ILE A 401 -14.93 -3.25 -5.30
CA ILE A 401 -15.31 -1.99 -5.91
C ILE A 401 -15.11 -2.04 -7.44
N ASP A 402 -13.91 -2.43 -7.87
CA ASP A 402 -13.56 -2.45 -9.32
C ASP A 402 -14.46 -3.48 -10.07
N GLN A 403 -14.78 -4.61 -9.47
CA GLN A 403 -15.66 -5.57 -10.14
C GLN A 403 -17.10 -5.18 -10.07
N GLY A 404 -17.38 -3.98 -9.49
CA GLY A 404 -18.77 -3.51 -9.24
C GLY A 404 -19.55 -4.30 -8.21
N LEU A 405 -18.87 -4.85 -7.21
CA LEU A 405 -19.53 -5.66 -6.16
C LEU A 405 -19.81 -4.94 -4.80
N MET A 406 -19.29 -3.73 -4.59
CA MET A 406 -19.60 -2.91 -3.46
C MET A 406 -19.32 -1.47 -3.86
N GLY A 407 -19.81 -0.53 -3.04
CA GLY A 407 -19.51 0.90 -3.25
C GLY A 407 -19.08 1.49 -1.91
N SER A 408 -18.79 2.78 -1.86
CA SER A 408 -18.24 3.39 -0.61
C SER A 408 -18.98 3.09 0.71
N GLU A 409 -20.30 2.90 0.63
CA GLU A 409 -21.20 2.89 1.84
C GLU A 409 -21.96 1.54 1.97
N THR A 410 -21.51 0.61 1.13
CA THR A 410 -21.85 -0.80 1.26
C THR A 410 -21.59 -1.31 2.71
N ILE A 411 -22.49 -2.17 3.16
CA ILE A 411 -22.49 -2.66 4.52
C ILE A 411 -21.80 -4.02 4.47
N LEU A 412 -21.00 -4.35 5.50
CA LEU A 412 -20.38 -5.68 5.55
C LEU A 412 -20.63 -6.33 6.88
N SER A 413 -20.60 -7.65 6.90
CA SER A 413 -20.68 -8.30 8.21
C SER A 413 -19.36 -8.25 9.07
N ASN A 414 -19.49 -7.89 10.34
CA ASN A 414 -18.41 -8.12 11.34
C ASN A 414 -18.85 -9.00 12.54
N TYR A 415 -19.99 -9.64 12.39
CA TYR A 415 -20.43 -10.66 13.33
C TYR A 415 -19.44 -11.81 13.41
N PRO A 416 -19.28 -12.39 14.61
CA PRO A 416 -18.36 -13.51 14.86
C PRO A 416 -18.49 -14.58 13.77
N THR A 417 -17.39 -15.19 13.35
CA THR A 417 -17.45 -16.20 12.29
C THR A 417 -16.21 -17.00 12.39
N ASN A 418 -16.15 -18.15 11.78
CA ASN A 418 -15.07 -19.04 12.03
C ASN A 418 -14.40 -19.37 10.72
N PHE A 419 -13.07 -19.60 10.77
CA PHE A 419 -12.35 -20.25 9.70
C PHE A 419 -12.86 -21.71 9.47
N ALA A 420 -12.45 -22.35 8.38
CA ALA A 420 -12.95 -23.71 8.01
C ALA A 420 -12.57 -24.76 9.05
N ASN A 421 -11.46 -24.54 9.76
CA ASN A 421 -11.08 -25.41 10.91
C ASN A 421 -11.88 -25.18 12.21
N GLY A 422 -12.77 -24.17 12.22
CA GLY A 422 -13.45 -23.81 13.45
C GLY A 422 -12.75 -22.84 14.41
N ASN A 423 -11.46 -22.50 14.26
CA ASN A 423 -10.95 -21.32 14.97
C ASN A 423 -11.67 -20.01 14.58
N PRO A 424 -11.95 -19.13 15.60
CA PRO A 424 -12.54 -17.82 15.38
C PRO A 424 -11.68 -16.84 14.62
N ILE A 425 -12.26 -16.01 13.77
CA ILE A 425 -11.52 -14.86 13.21
C ILE A 425 -11.45 -13.72 14.23
N MET A 426 -10.24 -13.43 14.67
CA MET A 426 -10.03 -12.51 15.73
C MET A 426 -9.49 -11.15 15.30
N TYR A 427 -9.86 -10.13 16.07
CA TYR A 427 -9.23 -8.84 15.96
C TYR A 427 -8.69 -8.40 17.36
N ALA A 428 -7.44 -8.75 17.63
CA ALA A 428 -6.85 -8.54 18.93
C ALA A 428 -7.60 -9.51 19.80
N ASN A 429 -8.27 -9.03 20.86
CA ASN A 429 -9.05 -9.99 21.67
C ASN A 429 -10.49 -10.07 21.29
N SER A 430 -11.01 -9.24 20.38
CA SER A 430 -12.43 -9.30 20.00
C SER A 430 -12.74 -10.26 18.86
N LYS A 431 -13.92 -10.87 19.00
CA LYS A 431 -14.50 -11.83 18.06
C LYS A 431 -15.52 -11.30 17.05
N GLY A 432 -15.78 -10.01 17.05
CA GLY A 432 -16.56 -9.46 16.00
C GLY A 432 -17.46 -8.53 16.71
N THR A 433 -18.34 -7.84 15.97
CA THR A 433 -19.39 -7.03 16.49
C THR A 433 -20.69 -7.28 15.66
N GLY A 434 -21.02 -6.37 14.73
CA GLY A 434 -22.24 -6.50 13.91
C GLY A 434 -21.99 -5.97 12.50
N MET A 435 -23.05 -5.52 11.84
CA MET A 435 -23.01 -4.86 10.56
C MET A 435 -22.24 -3.53 10.69
N MET A 436 -21.48 -3.24 9.64
CA MET A 436 -20.83 -1.94 9.59
C MET A 436 -20.56 -1.46 8.14
N THR A 437 -20.49 -0.16 7.91
CA THR A 437 -20.08 0.34 6.56
C THR A 437 -18.60 0.01 6.22
N LEU A 438 -18.24 0.17 4.93
CA LEU A 438 -16.87 0.04 4.47
C LEU A 438 -15.91 1.04 5.13
N GLY A 439 -16.38 2.27 5.34
CA GLY A 439 -15.69 3.27 6.10
C GLY A 439 -15.25 2.76 7.41
N GLU A 440 -16.12 2.08 8.12
CA GLU A 440 -15.79 1.68 9.50
C GLU A 440 -14.87 0.48 9.55
N ALA A 441 -15.07 -0.47 8.64
CA ALA A 441 -14.22 -1.61 8.45
C ALA A 441 -12.75 -1.14 8.24
N LEU A 442 -12.51 -0.30 7.22
CA LEU A 442 -11.22 0.36 6.99
C LEU A 442 -10.57 1.28 8.11
N ASN A 443 -11.37 2.11 8.78
CA ASN A 443 -10.87 3.01 9.78
C ASN A 443 -10.26 2.31 10.99
N TYR A 444 -10.86 1.15 11.30
CA TYR A 444 -10.53 0.31 12.45
C TYR A 444 -9.73 -0.86 12.00
N SER A 445 -9.89 -1.24 10.74
CA SER A 445 -9.16 -2.37 10.19
C SER A 445 -9.68 -3.73 10.72
N TRP A 446 -10.95 -3.83 11.00
CA TRP A 446 -11.57 -5.09 11.34
C TRP A 446 -11.31 -6.23 10.28
N ASN A 447 -11.11 -7.46 10.71
CA ASN A 447 -10.63 -8.49 9.81
C ASN A 447 -11.68 -9.30 9.16
N ILE A 448 -12.75 -9.57 9.88
CA ILE A 448 -13.86 -10.41 9.36
C ILE A 448 -14.50 -9.83 8.12
N PRO A 449 -14.84 -8.54 8.11
CA PRO A 449 -15.35 -8.10 6.78
C PRO A 449 -14.36 -8.27 5.52
N ALA A 450 -13.04 -8.34 5.72
CA ALA A 450 -12.07 -8.49 4.67
C ALA A 450 -12.00 -9.96 4.29
N TYR A 451 -12.10 -10.87 5.29
CA TYR A 451 -12.42 -12.31 5.05
C TYR A 451 -13.61 -12.66 4.10
N TRP A 452 -14.74 -12.06 4.36
CA TRP A 452 -15.94 -12.18 3.50
C TRP A 452 -15.82 -11.49 2.10
N THR A 453 -15.16 -10.36 2.03
CA THR A 453 -14.91 -9.77 0.73
C THR A 453 -14.03 -10.68 -0.14
N TYR A 454 -12.94 -11.24 0.40
CA TYR A 454 -12.09 -12.00 -0.53
C TYR A 454 -12.78 -13.29 -0.94
N ARG A 455 -13.50 -13.86 0.04
CA ARG A 455 -14.40 -15.04 -0.15
C ARG A 455 -15.49 -14.84 -1.19
N MET A 456 -16.17 -13.70 -1.19
CA MET A 456 -17.04 -13.29 -2.31
C MET A 456 -16.31 -13.08 -3.65
N LEU A 457 -15.06 -12.64 -3.63
CA LEU A 457 -14.32 -12.49 -4.86
C LEU A 457 -14.05 -13.86 -5.43
N ARG A 458 -13.72 -14.84 -4.62
CA ARG A 458 -13.55 -16.23 -5.09
C ARG A 458 -14.82 -16.91 -5.57
N GLU A 459 -15.95 -16.66 -4.88
CA GLU A 459 -17.22 -17.23 -5.36
C GLU A 459 -17.63 -16.74 -6.73
N ASN A 460 -17.13 -15.57 -7.13
CA ASN A 460 -17.41 -14.98 -8.42
C ASN A 460 -16.35 -15.29 -9.46
N GLY A 461 -15.36 -16.13 -9.16
CA GLY A 461 -14.29 -16.36 -10.11
C GLY A 461 -13.43 -15.15 -10.53
N VAL A 462 -13.28 -14.16 -9.65
CA VAL A 462 -12.56 -12.95 -10.03
C VAL A 462 -11.09 -13.31 -10.12
N ASP A 463 -10.42 -12.78 -11.15
CA ASP A 463 -9.00 -12.97 -11.35
C ASP A 463 -8.18 -12.07 -10.42
N VAL A 464 -8.14 -12.39 -9.12
CA VAL A 464 -7.37 -11.61 -8.16
C VAL A 464 -5.88 -11.58 -8.51
N LYS A 465 -5.34 -12.70 -8.99
CA LYS A 465 -3.94 -12.74 -9.36
C LYS A 465 -3.59 -11.90 -10.56
N GLY A 466 -4.46 -11.79 -11.57
CA GLY A 466 -4.19 -10.80 -12.63
C GLY A 466 -3.91 -9.44 -12.08
N TYR A 467 -4.76 -8.93 -11.16
CA TYR A 467 -4.54 -7.59 -10.53
C TYR A 467 -3.16 -7.46 -9.81
N MET A 468 -2.88 -8.36 -8.87
CA MET A 468 -1.62 -8.35 -8.15
C MET A 468 -0.34 -8.49 -9.00
N GLU A 469 -0.40 -9.29 -10.08
CA GLU A 469 0.80 -9.46 -10.89
C GLU A 469 1.13 -8.23 -11.80
N LYS A 470 0.11 -7.43 -12.12
CA LYS A 470 0.26 -6.13 -12.79
C LYS A 470 0.99 -5.07 -11.97
N MET A 471 0.88 -5.16 -10.63
CA MET A 471 1.64 -4.32 -9.76
C MET A 471 2.96 -4.94 -9.30
N GLY A 472 3.31 -6.09 -9.89
CA GLY A 472 4.55 -6.78 -9.64
C GLY A 472 4.63 -7.68 -8.42
N TYR A 473 3.47 -8.09 -7.89
CA TYR A 473 3.38 -8.88 -6.65
C TYR A 473 3.50 -10.35 -6.95
N GLU A 474 4.44 -11.03 -6.26
CA GLU A 474 4.56 -12.49 -6.30
C GLU A 474 3.94 -13.20 -5.05
N ILE A 475 2.74 -13.77 -5.21
CA ILE A 475 2.11 -14.48 -4.13
C ILE A 475 2.02 -15.95 -4.60
N PRO A 476 2.68 -16.89 -3.88
CA PRO A 476 2.70 -18.28 -4.35
C PRO A 476 1.35 -18.96 -4.27
N GLU A 477 0.46 -18.56 -3.36
CA GLU A 477 -0.79 -19.32 -3.14
C GLU A 477 -1.96 -18.37 -2.87
N TYR A 478 -2.96 -18.38 -3.76
CA TYR A 478 -4.07 -17.46 -3.63
C TYR A 478 -5.22 -18.10 -2.82
N GLY A 479 -5.13 -19.41 -2.61
CA GLY A 479 -6.26 -20.14 -2.00
C GLY A 479 -6.01 -20.21 -0.51
N ILE A 480 -6.12 -19.04 0.17
CA ILE A 480 -5.81 -18.97 1.62
C ILE A 480 -6.83 -18.04 2.22
N GLU A 481 -7.67 -18.55 3.14
CA GLU A 481 -8.73 -17.71 3.79
C GLU A 481 -8.31 -16.29 4.35
N SER A 482 -7.07 -16.17 4.92
CA SER A 482 -6.63 -15.02 5.64
C SER A 482 -5.74 -14.17 4.75
N LEU A 483 -5.69 -14.51 3.44
CA LEU A 483 -4.93 -13.76 2.42
C LEU A 483 -5.12 -12.27 2.46
N PRO A 484 -6.40 -11.75 2.54
CA PRO A 484 -6.53 -10.28 2.61
C PRO A 484 -6.02 -9.58 3.89
N MET A 485 -5.69 -10.35 4.92
CA MET A 485 -5.09 -9.82 6.14
C MET A 485 -3.58 -9.93 6.04
N GLY A 486 -3.08 -10.52 4.95
CA GLY A 486 -1.67 -10.55 4.72
C GLY A 486 -1.00 -11.85 4.97
N GLY A 487 -1.79 -12.94 5.11
CA GLY A 487 -1.25 -14.27 5.34
C GLY A 487 -0.86 -14.95 4.05
N GLY A 488 0.35 -15.46 4.06
CA GLY A 488 0.86 -16.07 2.85
C GLY A 488 1.48 -15.07 1.90
N ILE A 489 1.82 -13.87 2.44
CA ILE A 489 2.38 -12.78 1.63
C ILE A 489 3.52 -12.17 2.38
N GLU A 490 4.65 -11.96 1.72
CA GLU A 490 5.71 -11.15 2.25
C GLU A 490 6.27 -10.26 1.16
N VAL A 491 6.52 -9.00 1.48
CA VAL A 491 6.96 -8.02 0.47
C VAL A 491 8.11 -7.14 1.01
N THR A 492 8.89 -6.59 0.06
CA THR A 492 9.85 -5.50 0.39
C THR A 492 9.13 -4.17 0.53
N VAL A 493 9.72 -3.21 1.23
CA VAL A 493 9.06 -1.86 1.31
C VAL A 493 8.86 -1.18 -0.12
N ALA A 494 9.85 -1.35 -1.00
CA ALA A 494 9.89 -0.73 -2.31
C ALA A 494 8.76 -1.29 -3.21
N GLN A 495 8.61 -2.60 -3.21
CA GLN A 495 7.51 -3.22 -3.93
C GLN A 495 6.13 -2.84 -3.27
N HIS A 496 6.09 -2.78 -1.94
CA HIS A 496 4.82 -2.32 -1.34
C HIS A 496 4.46 -0.84 -1.66
N THR A 497 5.43 0.07 -1.70
CA THR A 497 5.17 1.49 -2.01
C THR A 497 4.54 1.57 -3.38
N ASN A 498 4.94 0.66 -4.25
CA ASN A 498 4.48 0.59 -5.65
C ASN A 498 3.01 0.16 -5.81
N GLY A 499 2.47 -0.67 -4.94
CA GLY A 499 1.02 -0.94 -4.90
C GLY A 499 0.33 0.34 -4.39
N TYR A 500 0.85 1.01 -3.38
CA TYR A 500 0.23 2.31 -3.03
C TYR A 500 0.36 3.43 -4.13
N GLN A 501 1.43 3.37 -4.93
CA GLN A 501 1.65 4.35 -6.05
C GLN A 501 0.50 4.16 -7.01
N THR A 502 0.07 2.93 -7.19
CA THR A 502 -0.97 2.60 -8.22
C THR A 502 -2.31 3.20 -7.84
N LEU A 503 -2.64 3.14 -6.56
CA LEU A 503 -3.90 3.80 -6.07
C LEU A 503 -3.83 5.38 -6.03
N ALA A 504 -2.73 5.96 -5.54
CA ALA A 504 -2.51 7.42 -5.51
C ALA A 504 -2.68 8.06 -6.88
N ASN A 505 -2.10 7.37 -7.88
CA ASN A 505 -2.03 7.75 -9.30
C ASN A 505 -3.25 7.29 -10.09
N ASN A 506 -4.43 7.45 -9.50
CA ASN A 506 -5.75 7.03 -10.08
C ASN A 506 -5.82 5.74 -10.85
N GLY A 507 -5.09 4.74 -10.37
CA GLY A 507 -5.28 3.39 -10.83
C GLY A 507 -4.28 2.88 -11.84
N VAL A 508 -3.28 3.73 -12.15
CA VAL A 508 -2.28 3.52 -13.21
C VAL A 508 -0.94 3.23 -12.52
N TYR A 509 -0.51 1.96 -12.64
CA TYR A 509 0.87 1.47 -12.22
C TYR A 509 2.02 1.94 -13.15
N HIS A 510 3.07 2.47 -12.51
CA HIS A 510 4.38 2.66 -13.14
C HIS A 510 5.39 1.87 -12.31
N GLN A 511 6.28 1.13 -12.97
CA GLN A 511 7.25 0.32 -12.30
C GLN A 511 8.37 1.08 -11.61
N LYS A 512 8.60 0.73 -10.34
CA LYS A 512 9.67 1.34 -9.57
C LYS A 512 11.00 1.10 -10.28
N HIS A 513 11.93 2.00 -10.02
CA HIS A 513 13.22 2.04 -10.74
C HIS A 513 14.02 3.10 -10.03
N VAL A 514 15.31 2.86 -9.96
CA VAL A 514 16.29 3.76 -9.27
C VAL A 514 17.37 4.30 -10.31
N ILE A 515 17.27 3.81 -11.54
CA ILE A 515 18.10 4.12 -12.71
C ILE A 515 17.14 4.61 -13.81
N SER A 516 17.34 5.83 -14.33
CA SER A 516 16.72 6.28 -15.65
C SER A 516 17.60 6.02 -16.96
N LYS A 517 18.89 6.23 -16.80
CA LYS A 517 19.90 6.35 -17.90
C LYS A 517 21.28 5.76 -17.56
N ILE A 518 21.67 4.78 -18.39
CA ILE A 518 23.09 4.40 -18.49
C ILE A 518 23.72 4.92 -19.85
N GLU A 519 24.83 5.62 -19.73
CA GLU A 519 25.54 6.09 -20.91
C GLU A 519 26.98 5.52 -21.06
N ALA A 520 27.37 5.25 -22.32
CA ALA A 520 28.75 4.84 -22.65
C ALA A 520 29.91 5.78 -22.08
N ALA A 521 31.17 5.39 -22.29
CA ALA A 521 32.24 6.41 -22.28
C ALA A 521 32.12 7.44 -23.47
N ASP A 522 31.54 7.00 -24.61
CA ASP A 522 31.35 7.88 -25.78
C ASP A 522 30.03 8.65 -25.82
N GLY A 523 29.43 8.86 -24.64
CA GLY A 523 28.17 9.66 -24.48
C GLY A 523 26.90 9.11 -25.13
N ARG A 524 27.00 7.96 -25.79
CA ARG A 524 25.80 7.31 -26.34
C ARG A 524 24.95 6.81 -25.15
N VAL A 525 23.64 6.99 -25.33
CA VAL A 525 22.59 6.45 -24.46
C VAL A 525 22.46 4.91 -24.66
N VAL A 526 23.06 4.16 -23.74
CA VAL A 526 23.01 2.68 -23.74
C VAL A 526 21.66 2.11 -23.19
N TYR A 527 21.29 2.57 -21.97
CA TYR A 527 20.06 2.13 -21.25
C TYR A 527 19.13 3.34 -20.86
N GLU A 528 17.84 3.16 -21.20
CA GLU A 528 16.77 4.10 -20.82
C GLU A 528 15.60 3.44 -20.13
N TYR A 529 15.22 3.98 -18.96
CA TYR A 529 14.00 3.50 -18.31
C TYR A 529 12.88 3.59 -19.35
N GLN A 530 12.19 2.46 -19.58
CA GLN A 530 11.00 2.49 -20.43
C GLN A 530 9.66 2.28 -19.69
N ASP A 531 8.89 3.36 -19.70
CA ASP A 531 7.61 3.46 -19.06
C ASP A 531 6.64 2.51 -19.70
N LYS A 532 6.09 1.58 -18.92
CA LYS A 532 4.94 0.80 -19.36
C LYS A 532 3.73 0.95 -18.39
N PRO A 533 3.02 2.11 -18.46
CA PRO A 533 1.80 2.33 -17.68
C PRO A 533 0.74 1.28 -17.90
N VAL A 534 0.12 0.85 -16.79
CA VAL A 534 -0.99 -0.09 -16.86
C VAL A 534 -2.10 0.42 -15.94
N GLN A 535 -3.32 0.52 -16.45
CA GLN A 535 -4.52 0.82 -15.66
C GLN A 535 -4.95 -0.48 -14.95
N VAL A 536 -4.42 -0.69 -13.75
CA VAL A 536 -4.70 -1.83 -12.86
C VAL A 536 -6.18 -1.84 -12.36
N TYR A 537 -6.60 -0.75 -11.71
CA TYR A 537 -8.01 -0.48 -11.34
C TYR A 537 -8.46 0.68 -12.20
N SER A 538 -9.77 0.76 -12.42
CA SER A 538 -10.33 1.92 -13.16
C SER A 538 -10.21 3.16 -12.36
N LYS A 539 -10.69 4.27 -12.93
CA LYS A 539 -10.42 5.55 -12.34
C LYS A 539 -11.46 5.78 -11.29
N ALA A 540 -12.68 5.35 -11.55
CA ALA A 540 -13.72 5.33 -10.57
C ALA A 540 -13.19 4.73 -9.29
N THR A 541 -12.71 3.48 -9.37
CA THR A 541 -12.19 2.64 -8.26
C THR A 541 -11.06 3.31 -7.43
N ALA A 542 -10.00 3.69 -8.10
CA ALA A 542 -8.90 4.29 -7.44
C ALA A 542 -9.26 5.61 -6.75
N THR A 543 -9.98 6.51 -7.41
CA THR A 543 -10.49 7.73 -6.75
C THR A 543 -11.56 7.51 -5.59
N ILE A 544 -12.26 6.40 -5.60
CA ILE A 544 -13.16 6.08 -4.52
C ILE A 544 -12.30 5.63 -3.26
N MET A 545 -11.39 4.72 -3.52
CA MET A 545 -10.43 4.23 -2.52
CA MET A 545 -10.43 4.22 -2.55
C MET A 545 -9.57 5.35 -1.94
N GLN A 546 -9.21 6.36 -2.75
CA GLN A 546 -8.52 7.53 -2.23
C GLN A 546 -9.29 8.25 -1.15
N GLY A 547 -10.59 8.42 -1.43
CA GLY A 547 -11.52 9.10 -0.45
C GLY A 547 -11.71 8.32 0.86
N LEU A 548 -11.78 6.99 0.74
CA LEU A 548 -11.73 6.12 1.93
C LEU A 548 -10.45 6.15 2.76
N LEU A 549 -9.30 6.10 2.10
CA LEU A 549 -8.03 6.10 2.79
C LEU A 549 -7.76 7.46 3.36
N ARG A 550 -8.40 8.47 2.81
CA ARG A 550 -8.28 9.80 3.45
C ARG A 550 -8.83 9.76 4.80
N GLU A 551 -10.01 9.13 4.98
CA GLU A 551 -10.64 9.02 6.29
C GLU A 551 -9.90 8.14 7.30
N VAL A 552 -9.11 7.14 6.82
CA VAL A 552 -8.33 6.25 7.67
C VAL A 552 -7.41 7.07 8.54
N LEU A 553 -6.81 8.12 7.91
CA LEU A 553 -5.81 9.00 8.55
C LEU A 553 -6.46 10.06 9.37
N SER A 554 -7.52 10.68 8.88
CA SER A 554 -8.33 11.61 9.68
C SER A 554 -8.98 11.16 11.01
N SER A 555 -9.61 9.98 11.02
CA SER A 555 -10.29 9.43 12.16
C SER A 555 -9.29 9.03 13.23
N ARG A 556 -8.03 8.82 12.83
CA ARG A 556 -6.93 8.65 13.79
C ARG A 556 -7.05 7.42 14.69
N VAL A 557 -7.83 6.44 14.23
CA VAL A 557 -8.08 5.21 15.00
C VAL A 557 -6.84 4.36 15.12
N THR A 558 -6.16 4.14 13.99
CA THR A 558 -5.06 3.16 13.95
C THR A 558 -3.73 3.83 13.79
N THR A 559 -3.72 5.18 13.77
CA THR A 559 -2.47 5.97 13.72
C THR A 559 -2.69 7.38 14.19
N THR A 560 -1.72 7.86 14.98
CA THR A 560 -1.63 9.28 15.36
C THR A 560 -0.97 10.29 14.38
N PHE A 561 -0.59 9.82 13.17
CA PHE A 561 0.26 10.52 12.17
C PHE A 561 -0.19 11.89 11.87
N LYS A 562 -1.47 12.09 11.52
CA LYS A 562 -1.96 13.49 11.30
C LYS A 562 -1.76 14.46 12.46
N SER A 563 -1.96 14.04 13.71
CA SER A 563 -1.70 14.90 14.90
C SER A 563 -0.22 15.27 15.12
N ASN A 564 0.63 14.31 14.82
CA ASN A 564 2.06 14.41 14.90
C ASN A 564 2.51 15.50 13.90
N LEU A 565 1.89 15.44 12.71
CA LEU A 565 2.37 16.25 11.59
C LEU A 565 1.83 17.61 11.77
N THR A 566 0.62 17.72 12.32
CA THR A 566 0.03 19.07 12.70
C THR A 566 1.01 19.86 13.57
N SER A 567 1.59 19.21 14.60
CA SER A 567 2.42 19.91 15.59
C SER A 567 3.81 20.28 15.08
N LEU A 568 4.33 19.49 14.15
CA LEU A 568 5.59 19.81 13.51
C LEU A 568 5.45 20.79 12.33
N ASN A 569 4.43 20.65 11.49
CA ASN A 569 4.36 21.51 10.32
C ASN A 569 2.88 21.62 9.94
N PRO A 570 2.16 22.57 10.60
CA PRO A 570 0.73 22.67 10.42
C PRO A 570 0.32 22.92 9.00
N THR A 571 1.16 23.65 8.26
CA THR A 571 0.89 23.84 6.82
C THR A 571 1.05 22.62 5.97
N LEU A 572 2.04 21.77 6.24
CA LEU A 572 2.13 20.44 5.49
C LEU A 572 0.96 19.43 5.93
N ALA A 573 0.58 19.50 7.20
CA ALA A 573 -0.55 18.69 7.69
C ALA A 573 -1.83 18.96 6.87
N ASN A 574 -1.91 20.13 6.23
CA ASN A 574 -3.09 20.51 5.36
C ASN A 574 -3.08 20.06 3.91
N ALA A 575 -1.94 19.57 3.37
CA ALA A 575 -1.82 18.72 2.20
C ALA A 575 -2.87 17.58 2.24
N ASP A 576 -3.15 16.92 1.10
CA ASP A 576 -4.22 15.94 1.00
C ASP A 576 -3.64 14.52 1.25
N TRP A 577 -3.45 14.16 2.50
CA TRP A 577 -2.91 12.86 2.87
C TRP A 577 -3.91 11.69 2.93
N ILE A 578 -3.57 10.60 2.27
CA ILE A 578 -4.29 9.38 2.35
C ILE A 578 -3.32 8.32 2.90
N GLY A 579 -3.81 7.21 3.45
CA GLY A 579 -2.85 6.21 3.93
C GLY A 579 -3.48 5.01 4.59
N LYS A 580 -2.65 4.04 5.00
CA LYS A 580 -3.16 2.84 5.60
C LYS A 580 -2.07 2.18 6.47
N THR A 581 -2.45 1.51 7.54
CA THR A 581 -1.50 0.86 8.49
C THR A 581 -1.61 -0.67 8.53
N GLY A 582 -0.63 -1.36 9.07
CA GLY A 582 -0.76 -2.81 9.26
C GLY A 582 0.09 -3.18 10.47
N THR A 583 -0.38 -4.20 11.20
CA THR A 583 0.27 -4.84 12.33
C THR A 583 0.20 -6.30 12.14
N THR A 584 1.33 -7.02 12.18
CA THR A 584 1.29 -8.53 12.07
C THR A 584 0.87 -9.13 13.42
N ASN A 585 0.33 -10.35 13.41
CA ASN A 585 -0.58 -10.63 14.53
C ASN A 585 0.02 -11.19 15.77
N GLN A 586 0.85 -10.39 16.44
CA GLN A 586 1.90 -10.68 17.45
C GLN A 586 2.83 -9.47 17.58
N ASP A 587 2.52 -8.40 16.83
CA ASP A 587 3.09 -7.07 16.96
C ASP A 587 4.49 -7.07 16.39
N GLU A 588 4.77 -8.03 15.54
CA GLU A 588 6.15 -8.17 15.12
C GLU A 588 6.59 -7.16 14.08
N ASN A 589 5.66 -6.74 13.20
CA ASN A 589 5.90 -5.78 12.12
C ASN A 589 4.78 -4.81 12.05
N MET A 590 5.13 -3.56 11.85
CA MET A 590 4.16 -2.42 11.70
C MET A 590 4.38 -1.81 10.33
N TRP A 591 3.30 -1.42 9.65
CA TRP A 591 3.36 -0.64 8.39
C TRP A 591 2.55 0.67 8.44
N LEU A 592 3.06 1.70 7.77
CA LEU A 592 2.32 2.90 7.55
C LEU A 592 2.63 3.39 6.10
N MET A 593 1.63 3.40 5.25
CA MET A 593 1.73 3.85 3.85
C MET A 593 0.94 5.16 3.73
N LEU A 594 1.60 6.16 3.15
CA LEU A 594 1.18 7.59 3.05
C LEU A 594 1.30 8.07 1.65
N SER A 595 0.28 8.76 1.18
CA SER A 595 0.33 9.51 -0.11
C SER A 595 -0.33 10.85 -0.07
N THR A 596 0.33 11.85 -0.68
CA THR A 596 -0.30 13.05 -1.39
C THR A 596 -0.46 12.76 -2.91
N PRO A 597 -1.22 13.58 -3.69
CA PRO A 597 -1.27 13.25 -5.16
C PRO A 597 0.07 13.06 -5.94
N ARG A 598 1.13 13.77 -5.53
CA ARG A 598 2.47 13.68 -6.13
C ARG A 598 3.30 12.52 -5.63
N LEU A 599 3.40 12.30 -4.29
CA LEU A 599 4.29 11.28 -3.70
C LEU A 599 3.65 10.19 -2.82
N THR A 600 4.40 9.16 -2.46
CA THR A 600 3.96 7.95 -1.67
C THR A 600 5.17 7.55 -0.82
N LEU A 601 4.98 7.52 0.47
CA LEU A 601 6.11 7.12 1.29
C LEU A 601 5.67 5.83 1.95
N GLY A 602 6.43 4.75 1.74
CA GLY A 602 6.17 3.45 2.36
C GLY A 602 6.96 3.41 3.62
N GLY A 603 6.48 2.72 4.66
CA GLY A 603 7.27 2.55 5.86
C GLY A 603 7.01 1.23 6.51
N TRP A 604 8.08 0.54 6.86
CA TRP A 604 8.08 -0.62 7.72
C TRP A 604 8.99 -0.45 9.03
N ILE A 605 8.53 -0.90 10.19
CA ILE A 605 9.40 -1.16 11.32
C ILE A 605 9.35 -2.64 11.78
N GLY A 606 10.41 -3.07 12.46
CA GLY A 606 10.54 -4.44 13.05
C GLY A 606 11.99 -4.80 13.51
N HIS A 607 12.15 -6.06 13.91
CA HIS A 607 13.40 -6.68 14.36
C HIS A 607 13.98 -7.63 13.32
N ASP A 608 15.29 -7.61 13.10
CA ASP A 608 15.79 -8.62 12.08
C ASP A 608 15.39 -10.06 12.40
N ASP A 609 15.35 -10.35 13.70
CA ASP A 609 15.01 -11.68 14.26
C ASP A 609 13.50 -11.91 14.52
N ASN A 610 12.62 -11.23 13.80
CA ASN A 610 11.17 -11.40 13.93
C ASN A 610 10.64 -11.71 15.33
N HIS A 611 10.62 -10.73 16.20
CA HIS A 611 10.07 -10.92 17.53
C HIS A 611 9.25 -9.64 17.82
N SER A 612 8.33 -9.72 18.76
CA SER A 612 7.47 -8.61 19.06
C SER A 612 8.10 -7.25 19.19
N LEU A 613 7.35 -6.25 18.75
CA LEU A 613 7.59 -4.85 19.14
C LEU A 613 6.67 -4.55 20.30
N SER A 614 6.81 -3.40 20.93
CA SER A 614 5.83 -2.91 21.86
C SER A 614 4.42 -2.80 21.22
N GLN A 615 3.41 -2.73 22.10
CA GLN A 615 2.00 -2.56 21.71
C GLN A 615 1.70 -1.29 20.90
N GLN A 616 2.21 -0.13 21.29
CA GLN A 616 1.97 1.11 20.49
C GLN A 616 3.11 1.53 19.51
N ALA A 617 3.92 0.57 19.10
CA ALA A 617 4.95 0.83 18.11
C ALA A 617 4.44 1.36 16.69
N GLY A 618 3.33 0.87 16.11
CA GLY A 618 2.76 1.33 14.83
C GLY A 618 1.86 2.54 15.01
N TYR A 619 0.92 2.41 15.92
CA TYR A 619 -0.02 3.45 16.38
C TYR A 619 0.61 4.82 16.60
N SER A 620 1.71 4.84 17.35
CA SER A 620 2.31 6.04 17.89
C SER A 620 3.78 6.20 17.48
N ASN A 621 4.58 5.17 17.67
CA ASN A 621 6.04 5.30 17.38
C ASN A 621 6.44 5.52 15.86
N ASN A 622 5.98 4.62 15.01
CA ASN A 622 6.25 4.71 13.56
C ASN A 622 5.57 5.95 12.99
N SER A 623 4.33 6.24 13.40
CA SER A 623 3.57 7.46 13.05
C SER A 623 4.30 8.76 13.36
N ASN A 624 5.00 8.85 14.51
CA ASN A 624 5.62 10.06 14.94
C ASN A 624 6.96 10.27 14.25
N TYR A 625 7.67 9.17 14.07
CA TYR A 625 8.91 9.09 13.27
C TYR A 625 8.63 9.48 11.82
N MET A 626 7.66 8.83 11.17
CA MET A 626 7.25 9.15 9.79
C MET A 626 6.88 10.61 9.57
N ALA A 627 6.36 11.26 10.62
CA ALA A 627 5.85 12.58 10.52
C ALA A 627 7.11 13.46 10.60
N HIS A 628 8.12 13.03 11.39
CA HIS A 628 9.42 13.78 11.35
C HIS A 628 10.07 13.54 10.02
N LEU A 629 9.90 12.35 9.43
CA LEU A 629 10.56 12.06 8.17
C LEU A 629 9.98 12.95 7.08
N VAL A 630 8.65 12.99 6.97
CA VAL A 630 7.85 13.81 6.01
C VAL A 630 8.22 15.31 6.03
N ASN A 631 8.50 15.85 7.21
CA ASN A 631 8.76 17.25 7.41
C ASN A 631 10.19 17.54 6.96
N ALA A 632 11.23 16.88 7.53
CA ALA A 632 12.55 16.77 6.88
C ALA A 632 12.52 16.69 5.35
N ILE A 633 11.69 15.83 4.75
CA ILE A 633 11.67 15.80 3.27
C ILE A 633 11.23 17.16 2.63
N GLN A 634 10.24 17.81 3.25
CA GLN A 634 9.67 19.09 2.82
C GLN A 634 10.61 20.23 3.08
N GLN A 635 11.33 20.21 4.20
CA GLN A 635 12.35 21.23 4.51
C GLN A 635 13.45 21.31 3.47
N ALA A 636 13.65 20.25 2.69
CA ALA A 636 14.75 20.20 1.77
C ALA A 636 14.21 20.33 0.34
N SER A 637 12.90 20.27 0.15
CA SER A 637 12.38 20.49 -1.17
C SER A 637 10.98 20.96 -0.91
N PRO A 638 10.83 22.27 -0.77
CA PRO A 638 9.62 22.85 -0.21
C PRO A 638 8.33 22.60 -0.97
N SER A 639 8.36 22.37 -2.28
CA SER A 639 7.13 22.12 -3.08
C SER A 639 6.88 20.69 -3.57
N ILE A 640 7.74 19.72 -3.18
CA ILE A 640 7.69 18.29 -3.63
C ILE A 640 6.41 17.49 -3.25
N TRP A 641 5.82 17.76 -2.08
CA TRP A 641 4.66 17.06 -1.67
C TRP A 641 3.38 17.44 -2.48
N GLY A 642 3.38 18.68 -3.04
CA GLY A 642 2.20 19.25 -3.78
C GLY A 642 1.12 19.83 -2.86
N ASN A 643 0.23 20.62 -3.48
CA ASN A 643 -0.89 21.21 -2.82
C ASN A 643 -2.12 20.63 -3.44
N GLU A 644 -1.96 19.75 -4.45
CA GLU A 644 -3.15 19.22 -5.14
C GLU A 644 -4.01 18.36 -4.21
N ARG A 645 -5.23 18.13 -4.65
CA ARG A 645 -6.26 17.33 -3.99
C ARG A 645 -6.62 16.11 -4.80
N PHE A 646 -6.83 14.98 -4.14
CA PHE A 646 -7.30 13.79 -4.77
C PHE A 646 -8.77 14.12 -5.00
N ALA A 647 -9.35 13.69 -6.13
CA ALA A 647 -10.75 14.05 -6.40
C ALA A 647 -11.47 12.92 -7.16
N LEU A 648 -12.69 12.66 -6.78
CA LEU A 648 -13.49 11.71 -7.48
C LEU A 648 -13.45 11.86 -9.02
N ASP A 649 -13.32 10.74 -9.73
CA ASP A 649 -13.39 10.75 -11.18
C ASP A 649 -14.81 11.03 -11.65
N PRO A 650 -14.95 11.82 -12.74
CA PRO A 650 -16.21 11.97 -13.46
C PRO A 650 -16.95 10.67 -13.77
N SER A 651 -16.27 9.53 -13.90
CA SER A 651 -16.99 8.26 -14.21
C SER A 651 -17.64 7.62 -12.97
N VAL A 652 -17.31 8.14 -11.78
CA VAL A 652 -17.85 7.57 -10.54
C VAL A 652 -19.36 7.69 -10.60
N VAL A 653 -20.08 6.67 -10.17
CA VAL A 653 -21.54 6.70 -10.03
C VAL A 653 -21.94 6.92 -8.55
N LYS A 654 -22.53 8.08 -8.22
CA LYS A 654 -23.13 8.27 -6.88
C LYS A 654 -24.56 7.72 -6.80
N SER A 655 -24.87 6.87 -5.84
CA SER A 655 -26.25 6.44 -5.58
C SER A 655 -26.73 6.93 -4.23
N GLU A 656 -28.05 7.07 -4.08
CA GLU A 656 -28.65 7.47 -2.83
CA GLU A 656 -28.66 7.45 -2.81
C GLU A 656 -29.19 6.20 -2.09
N VAL A 657 -28.51 5.77 -1.05
CA VAL A 657 -28.80 4.49 -0.45
C VAL A 657 -29.23 4.62 1.02
N LEU A 658 -29.83 3.58 1.59
CA LEU A 658 -30.14 3.63 3.00
C LEU A 658 -28.84 3.42 3.77
N LYS A 659 -28.60 4.26 4.78
CA LYS A 659 -27.57 3.98 5.81
C LYS A 659 -27.59 2.55 6.35
N SER A 660 -28.77 1.95 6.43
CA SER A 660 -28.84 0.75 7.27
C SER A 660 -28.48 -0.44 6.41
N THR A 661 -28.72 -0.34 5.11
CA THR A 661 -28.54 -1.45 4.19
C THR A 661 -27.42 -1.22 3.24
N GLY A 662 -27.16 0.03 2.90
CA GLY A 662 -26.16 0.31 1.88
C GLY A 662 -26.65 0.11 0.48
N GLN A 663 -27.89 -0.39 0.36
CA GLN A 663 -28.67 -0.45 -0.90
C GLN A 663 -29.86 0.53 -0.91
N LYS A 664 -30.47 0.72 -2.09
CA LYS A 664 -31.58 1.67 -2.34
C LYS A 664 -32.82 1.38 -1.49
N PRO A 665 -33.63 2.42 -1.14
CA PRO A 665 -34.74 1.95 -0.29
C PRO A 665 -35.82 1.23 -1.13
N GLY A 666 -36.73 0.55 -0.43
CA GLY A 666 -37.62 -0.42 -1.07
C GLY A 666 -38.24 -1.42 -0.12
N LYS A 667 -38.91 -2.39 -0.76
CA LYS A 667 -39.66 -3.48 -0.16
C LYS A 667 -38.80 -4.78 -0.05
N VAL A 668 -38.88 -5.45 1.10
CA VAL A 668 -38.13 -6.71 1.32
C VAL A 668 -39.05 -7.73 2.06
N SER A 669 -39.01 -9.01 1.71
CA SER A 669 -39.74 -10.03 2.51
C SER A 669 -39.04 -10.37 3.85
N VAL A 670 -39.36 -9.65 4.92
CA VAL A 670 -38.65 -9.87 6.19
C VAL A 670 -39.25 -11.05 6.94
N GLU A 671 -38.57 -12.19 6.75
CA GLU A 671 -39.07 -13.55 7.07
C GLU A 671 -40.57 -13.73 6.71
N GLY A 672 -40.87 -13.62 5.39
CA GLY A 672 -42.24 -13.64 4.82
C GLY A 672 -43.18 -12.65 5.51
N LYS A 673 -43.56 -11.60 4.78
CA LYS A 673 -44.31 -10.41 5.30
C LYS A 673 -43.73 -9.13 4.66
N GLU A 674 -43.57 -9.18 3.33
CA GLU A 674 -43.12 -8.06 2.49
C GLU A 674 -43.22 -6.67 3.16
N VAL A 675 -42.10 -6.27 3.82
CA VAL A 675 -41.86 -4.94 4.50
C VAL A 675 -41.37 -3.78 3.61
N GLU A 676 -41.80 -2.58 4.00
CA GLU A 676 -41.48 -1.32 3.35
C GLU A 676 -40.29 -0.60 4.04
N VAL A 677 -39.09 -0.66 3.44
CA VAL A 677 -37.86 -0.23 4.18
C VAL A 677 -37.42 1.22 3.91
N THR A 678 -37.34 1.96 5.00
CA THR A 678 -37.41 3.40 4.96
C THR A 678 -36.37 3.97 6.00
N GLY A 679 -36.04 5.27 5.99
CA GLY A 679 -35.03 5.85 6.93
C GLY A 679 -33.94 6.76 6.36
N SER A 680 -32.97 7.16 7.20
CA SER A 680 -31.98 8.09 6.66
C SER A 680 -31.12 7.42 5.59
N THR A 681 -30.76 8.25 4.61
CA THR A 681 -30.01 7.87 3.41
C THR A 681 -28.63 8.60 3.41
N VAL A 682 -27.78 8.16 2.47
CA VAL A 682 -26.39 8.59 2.35
C VAL A 682 -26.01 8.45 0.87
N THR A 683 -25.14 9.31 0.33
CA THR A 683 -24.52 9.06 -0.99
C THR A 683 -23.39 7.97 -0.98
N SER A 684 -23.43 7.10 -2.00
CA SER A 684 -22.57 5.95 -2.07
C SER A 684 -21.94 5.97 -3.41
N TYR A 685 -20.62 5.88 -3.47
CA TYR A 685 -19.89 5.91 -4.71
C TYR A 685 -19.61 4.49 -5.19
N TRP A 686 -19.80 4.28 -6.49
CA TRP A 686 -19.78 2.92 -7.12
C TRP A 686 -18.89 3.01 -8.34
N ALA A 687 -18.19 1.96 -8.71
CA ALA A 687 -17.39 1.97 -9.92
C ALA A 687 -18.00 1.12 -11.04
N ASN A 688 -19.28 0.81 -10.97
CA ASN A 688 -19.97 0.21 -12.12
C ASN A 688 -20.74 1.21 -13.02
N LYS A 689 -21.77 0.71 -13.70
CA LYS A 689 -22.64 1.46 -14.62
C LYS A 689 -23.99 1.94 -13.99
N SER A 690 -24.67 1.08 -13.22
CA SER A 690 -25.96 1.40 -12.58
C SER A 690 -26.00 1.75 -11.08
N GLY A 691 -24.82 1.95 -10.47
CA GLY A 691 -24.72 2.12 -9.03
C GLY A 691 -25.24 0.95 -8.20
N ALA A 692 -25.83 1.30 -7.04
CA ALA A 692 -26.19 0.35 -5.98
C ALA A 692 -27.52 -0.35 -6.28
N PRO A 693 -27.63 -1.65 -5.95
CA PRO A 693 -28.91 -2.32 -6.27
C PRO A 693 -30.06 -1.83 -5.35
N ALA A 694 -31.22 -2.48 -5.46
CA ALA A 694 -32.31 -2.25 -4.52
C ALA A 694 -32.04 -3.16 -3.34
N THR A 695 -32.55 -2.79 -2.16
CA THR A 695 -32.30 -3.60 -0.97
C THR A 695 -32.96 -4.96 -1.16
N SER A 696 -32.19 -6.03 -0.99
CA SER A 696 -32.67 -7.35 -0.79
C SER A 696 -32.36 -7.70 0.63
N TYR A 697 -32.71 -8.90 1.02
CA TYR A 697 -32.70 -9.31 2.43
C TYR A 697 -31.27 -9.60 2.94
N ARG A 698 -30.48 -10.28 2.11
CA ARG A 698 -29.02 -10.40 2.27
C ARG A 698 -28.30 -9.14 1.73
N PHE A 699 -28.37 -8.06 2.52
CA PHE A 699 -27.90 -6.75 2.02
C PHE A 699 -26.32 -6.53 2.17
N ALA A 700 -25.76 -7.02 3.31
CA ALA A 700 -24.28 -7.05 3.53
C ALA A 700 -23.45 -8.00 2.63
N ILE A 701 -22.16 -7.72 2.59
CA ILE A 701 -21.11 -8.72 2.30
C ILE A 701 -20.85 -9.59 3.55
N GLY A 702 -21.15 -10.87 3.39
CA GLY A 702 -21.08 -11.87 4.43
C GLY A 702 -22.28 -11.95 5.36
N GLY A 703 -22.18 -12.83 6.36
CA GLY A 703 -23.18 -13.02 7.45
C GLY A 703 -23.90 -14.36 7.42
N SER A 704 -24.23 -14.91 8.59
CA SER A 704 -25.08 -16.12 8.71
C SER A 704 -26.51 -15.69 8.91
N ASP A 705 -27.49 -16.57 8.62
CA ASP A 705 -28.91 -16.32 8.93
C ASP A 705 -29.22 -15.81 10.35
N ALA A 706 -28.60 -16.38 11.37
CA ALA A 706 -28.66 -15.79 12.72
C ALA A 706 -28.26 -14.31 12.74
N ASP A 707 -27.10 -13.97 12.14
CA ASP A 707 -26.64 -12.57 12.03
C ASP A 707 -27.77 -11.72 11.41
N TYR A 708 -28.34 -12.14 10.27
CA TYR A 708 -29.43 -11.36 9.59
C TYR A 708 -30.82 -11.29 10.27
N GLN A 709 -31.08 -12.29 11.14
CA GLN A 709 -32.27 -12.33 11.99
C GLN A 709 -32.12 -11.15 12.92
N ASN A 710 -30.94 -11.10 13.54
CA ASN A 710 -30.55 -10.11 14.51
C ASN A 710 -30.44 -8.76 13.80
N ALA A 711 -29.71 -8.69 12.72
CA ALA A 711 -29.63 -7.45 11.93
C ALA A 711 -30.98 -6.86 11.61
N TRP A 712 -31.75 -7.62 10.87
CA TRP A 712 -33.06 -7.17 10.38
C TRP A 712 -34.12 -6.72 11.41
N SER A 713 -34.05 -7.27 12.62
CA SER A 713 -34.98 -6.99 13.68
C SER A 713 -34.49 -5.90 14.62
N SER A 714 -33.56 -5.06 14.16
CA SER A 714 -33.39 -3.71 14.73
C SER A 714 -33.49 -2.72 13.57
N ILE A 715 -33.25 -3.18 12.34
CA ILE A 715 -33.59 -2.30 11.25
C ILE A 715 -35.12 -2.09 11.29
N VAL A 716 -35.90 -3.15 11.57
CA VAL A 716 -37.38 -3.16 11.53
C VAL A 716 -37.94 -2.34 12.65
N GLY A 717 -37.51 -2.66 13.86
CA GLY A 717 -37.65 -1.78 15.03
C GLY A 717 -37.53 -0.28 14.84
N SER A 718 -37.45 0.23 13.59
CA SER A 718 -37.46 1.68 13.33
C SER A 718 -38.22 2.03 12.06
#